data_2ND4
#
_entry.id   2ND4
#
_entity_poly.entity_id   1
_entity_poly.type   'polypeptide(L)'
_entity_poly.pdbx_seq_one_letter_code
;GENPSASNQLIQKKYVSWRDAADEANTQVAAHEAEIKEETLRQPGVVAAQQALDKANAIVGHDHEQAVKRAQEDYNTAYN
EAYNTVRNRYIQVLQQKYIEAAKAQGNYYDETAVEANRTNEQRIADDIKAQTGKDVTVTKDENGNYVVKDEKGNVVATVD
KDGKTVKADAKAG
;
_entity_poly.pdbx_strand_id   A
#
# COMPACT_ATOMS: atom_id res chain seq x y z
N GLY A 1 5.85 0.99 13.52
CA GLY A 1 5.96 2.39 14.02
C GLY A 1 4.66 2.91 14.62
N GLU A 2 3.93 2.03 15.29
CA GLU A 2 2.65 2.36 15.89
C GLU A 2 2.84 2.93 17.29
N ASN A 3 2.99 4.24 17.35
CA ASN A 3 3.21 4.95 18.60
C ASN A 3 3.54 6.37 18.25
N PRO A 4 2.61 7.30 18.49
CA PRO A 4 2.77 8.67 18.04
C PRO A 4 3.70 9.46 18.94
N SER A 5 4.96 9.03 18.97
CA SER A 5 6.02 9.76 19.64
C SER A 5 6.40 11.00 18.82
N ALA A 6 6.03 10.95 17.55
CA ALA A 6 6.23 12.08 16.65
C ALA A 6 5.13 12.09 15.59
N SER A 7 4.74 10.89 15.15
CA SER A 7 3.68 10.75 14.18
C SER A 7 2.76 9.59 14.57
N ASN A 8 1.46 9.81 14.41
CA ASN A 8 0.47 8.75 14.60
C ASN A 8 0.51 7.80 13.39
N GLN A 9 1.35 8.15 12.41
CA GLN A 9 1.53 7.40 11.18
C GLN A 9 0.32 7.60 10.25
N LEU A 10 -0.52 8.54 10.64
CA LEU A 10 -1.61 9.02 9.81
C LEU A 10 -1.81 10.51 10.06
N ILE A 11 -0.85 11.29 9.60
CA ILE A 11 -0.83 12.72 9.86
C ILE A 11 -0.13 13.45 8.72
N GLN A 12 -0.44 14.73 8.52
CA GLN A 12 0.22 15.52 7.48
C GLN A 12 1.41 16.27 8.07
N LYS A 13 2.57 16.11 7.43
CA LYS A 13 3.81 16.75 7.84
C LYS A 13 4.34 16.17 9.15
N LYS A 14 5.64 15.89 9.18
CA LYS A 14 6.27 15.18 10.29
C LYS A 14 5.56 13.86 10.50
N TYR A 15 5.73 12.97 9.54
CA TYR A 15 4.93 11.78 9.46
C TYR A 15 5.73 10.59 8.95
N VAL A 16 5.62 9.48 9.67
CA VAL A 16 6.20 8.23 9.24
C VAL A 16 5.16 7.49 8.42
N SER A 17 5.56 7.00 7.27
CA SER A 17 4.62 6.48 6.31
C SER A 17 3.84 5.30 6.85
N TRP A 18 2.61 5.19 6.35
CA TRP A 18 1.69 4.11 6.67
C TRP A 18 2.24 2.80 6.15
N ARG A 19 3.21 2.92 5.24
CA ARG A 19 3.89 1.79 4.61
C ARG A 19 4.47 0.84 5.66
N ASP A 20 4.85 1.40 6.79
CA ASP A 20 5.32 0.61 7.94
C ASP A 20 4.30 -0.46 8.28
N ALA A 21 3.07 -0.03 8.40
CA ALA A 21 1.95 -0.91 8.65
C ALA A 21 1.62 -1.77 7.42
N ALA A 22 1.49 -1.11 6.28
CA ALA A 22 0.95 -1.75 5.08
C ALA A 22 1.93 -2.73 4.43
N ASP A 23 3.09 -2.24 4.05
CA ASP A 23 3.97 -2.99 3.18
C ASP A 23 4.48 -4.26 3.85
N GLU A 24 4.71 -4.17 5.16
CA GLU A 24 5.16 -5.34 5.91
C GLU A 24 4.08 -6.41 5.93
N ALA A 25 2.84 -6.00 6.16
CA ALA A 25 1.70 -6.92 6.12
C ALA A 25 1.44 -7.42 4.70
N ASN A 26 1.83 -6.60 3.73
CA ASN A 26 1.52 -6.82 2.32
C ASN A 26 2.32 -7.98 1.78
N THR A 27 3.59 -7.96 2.12
CA THR A 27 4.48 -9.05 1.76
C THR A 27 3.95 -10.37 2.30
N GLN A 28 3.25 -10.30 3.43
CA GLN A 28 2.71 -11.50 4.04
C GLN A 28 1.51 -12.02 3.28
N VAL A 29 0.54 -11.13 3.09
CA VAL A 29 -0.71 -11.48 2.45
C VAL A 29 -0.48 -11.99 1.04
N ALA A 30 0.56 -11.48 0.39
CA ALA A 30 0.85 -11.81 -0.99
C ALA A 30 1.27 -13.26 -1.16
N ALA A 31 1.70 -13.90 -0.07
CA ALA A 31 2.03 -15.31 -0.09
C ALA A 31 0.76 -16.12 -0.36
N HIS A 32 -0.36 -15.51 -0.03
CA HIS A 32 -1.67 -16.09 -0.29
C HIS A 32 -2.59 -15.01 -0.87
N GLU A 33 -2.11 -14.36 -1.91
CA GLU A 33 -2.79 -13.25 -2.54
C GLU A 33 -4.04 -13.70 -3.29
N ALA A 34 -3.95 -14.89 -3.89
CA ALA A 34 -5.03 -15.40 -4.72
C ALA A 34 -6.30 -15.65 -3.90
N GLU A 35 -6.12 -16.07 -2.66
CA GLU A 35 -7.24 -16.32 -1.77
C GLU A 35 -7.93 -15.01 -1.40
N ILE A 36 -7.16 -13.94 -1.38
CA ILE A 36 -7.66 -12.62 -1.06
C ILE A 36 -8.68 -12.17 -2.10
N LYS A 37 -8.31 -12.31 -3.37
CA LYS A 37 -9.18 -11.95 -4.45
C LYS A 37 -10.40 -12.86 -4.47
N GLU A 38 -10.20 -14.12 -4.07
CA GLU A 38 -11.28 -15.10 -4.07
C GLU A 38 -12.45 -14.65 -3.20
N GLU A 39 -12.14 -13.94 -2.10
CA GLU A 39 -13.18 -13.44 -1.21
C GLU A 39 -14.07 -12.44 -1.96
N THR A 40 -13.51 -11.79 -2.96
CA THR A 40 -14.26 -10.85 -3.77
C THR A 40 -15.32 -11.57 -4.61
N LEU A 41 -15.03 -12.80 -5.02
CA LEU A 41 -15.95 -13.55 -5.86
C LEU A 41 -17.09 -14.13 -5.02
N ARG A 42 -17.00 -13.97 -3.71
CA ARG A 42 -18.08 -14.36 -2.81
C ARG A 42 -18.62 -13.12 -2.09
N GLN A 43 -18.10 -11.97 -2.47
CA GLN A 43 -18.45 -10.71 -1.85
C GLN A 43 -19.72 -10.15 -2.50
N PRO A 44 -20.77 -9.91 -1.68
CA PRO A 44 -22.09 -9.46 -2.15
C PRO A 44 -22.03 -8.26 -3.09
N GLY A 45 -20.99 -7.45 -2.97
CA GLY A 45 -20.84 -6.31 -3.84
C GLY A 45 -20.25 -6.67 -5.19
N VAL A 46 -19.12 -7.36 -5.19
CA VAL A 46 -18.41 -7.67 -6.44
C VAL A 46 -19.14 -8.74 -7.26
N VAL A 47 -19.83 -9.66 -6.58
CA VAL A 47 -20.55 -10.73 -7.28
C VAL A 47 -21.55 -10.16 -8.28
N ALA A 48 -22.14 -9.03 -7.93
CA ALA A 48 -23.12 -8.34 -8.77
C ALA A 48 -22.56 -8.04 -10.16
N ALA A 49 -21.24 -7.90 -10.25
CA ALA A 49 -20.58 -7.67 -11.52
C ALA A 49 -20.65 -8.93 -12.39
N GLN A 50 -20.30 -10.08 -11.79
CA GLN A 50 -20.37 -11.36 -12.49
C GLN A 50 -21.78 -11.61 -12.98
N GLN A 51 -22.71 -11.34 -12.07
CA GLN A 51 -24.12 -11.54 -12.31
C GLN A 51 -24.60 -10.70 -13.50
N ALA A 52 -24.10 -9.48 -13.58
CA ALA A 52 -24.48 -8.57 -14.65
C ALA A 52 -23.79 -8.94 -15.96
N LEU A 53 -22.60 -9.53 -15.85
CA LEU A 53 -21.85 -9.94 -17.03
C LEU A 53 -22.64 -10.99 -17.80
N ASP A 54 -23.24 -11.93 -17.08
CA ASP A 54 -24.07 -12.97 -17.70
C ASP A 54 -25.25 -12.34 -18.43
N LYS A 55 -25.81 -11.30 -17.84
CA LYS A 55 -26.95 -10.60 -18.41
C LYS A 55 -26.56 -9.90 -19.70
N ALA A 56 -25.42 -9.22 -19.68
CA ALA A 56 -24.89 -8.55 -20.87
C ALA A 56 -24.41 -9.57 -21.90
N ASN A 57 -23.88 -10.68 -21.41
CA ASN A 57 -23.38 -11.75 -22.27
C ASN A 57 -24.53 -12.48 -22.95
N ALA A 58 -25.74 -12.31 -22.41
CA ALA A 58 -26.93 -12.96 -22.95
C ALA A 58 -27.38 -12.28 -24.24
N ILE A 59 -26.89 -11.05 -24.46
CA ILE A 59 -27.20 -10.32 -25.67
C ILE A 59 -26.61 -11.07 -26.87
N VAL A 60 -27.45 -11.37 -27.85
CA VAL A 60 -27.03 -12.16 -28.99
C VAL A 60 -26.82 -11.27 -30.23
N GLY A 61 -26.04 -11.76 -31.19
CA GLY A 61 -25.79 -11.02 -32.40
C GLY A 61 -24.45 -10.30 -32.35
N HIS A 62 -24.24 -9.39 -33.29
CA HIS A 62 -23.01 -8.61 -33.30
C HIS A 62 -23.06 -7.58 -32.17
N ASP A 63 -24.27 -7.29 -31.71
CA ASP A 63 -24.48 -6.39 -30.58
C ASP A 63 -23.92 -6.98 -29.30
N HIS A 64 -23.68 -8.30 -29.33
CA HIS A 64 -23.09 -9.00 -28.19
C HIS A 64 -21.78 -8.35 -27.77
N GLU A 65 -20.79 -8.38 -28.65
CA GLU A 65 -19.48 -7.82 -28.38
C GLU A 65 -19.55 -6.32 -28.08
N GLN A 66 -20.46 -5.63 -28.75
CA GLN A 66 -20.62 -4.20 -28.55
C GLN A 66 -21.12 -3.90 -27.15
N ALA A 67 -22.08 -4.69 -26.70
CA ALA A 67 -22.65 -4.54 -25.37
C ALA A 67 -21.66 -4.94 -24.29
N VAL A 68 -21.08 -6.13 -24.46
CA VAL A 68 -20.20 -6.69 -23.45
C VAL A 68 -18.87 -5.93 -23.38
N LYS A 69 -18.44 -5.33 -24.49
CA LYS A 69 -17.19 -4.59 -24.52
C LYS A 69 -17.10 -3.62 -23.35
N ARG A 70 -18.11 -2.80 -23.20
CA ARG A 70 -18.15 -1.83 -22.12
C ARG A 70 -18.43 -2.51 -20.79
N ALA A 71 -19.48 -3.33 -20.75
CA ALA A 71 -19.97 -3.89 -19.49
C ALA A 71 -19.09 -5.02 -18.95
N GLN A 72 -18.80 -6.02 -19.77
CA GLN A 72 -18.15 -7.23 -19.28
C GLN A 72 -16.73 -6.91 -18.85
N GLU A 73 -16.11 -5.98 -19.56
CA GLU A 73 -14.78 -5.53 -19.22
C GLU A 73 -14.74 -5.00 -17.79
N ASP A 74 -15.65 -4.09 -17.49
CA ASP A 74 -15.76 -3.51 -16.15
C ASP A 74 -15.92 -4.59 -15.08
N TYR A 75 -16.80 -5.55 -15.33
CA TYR A 75 -17.02 -6.68 -14.42
C TYR A 75 -15.74 -7.52 -14.32
N ASN A 76 -15.26 -8.00 -15.46
CA ASN A 76 -14.02 -8.78 -15.50
C ASN A 76 -12.89 -8.06 -14.76
N THR A 77 -12.79 -6.75 -14.98
CA THR A 77 -11.78 -5.93 -14.33
C THR A 77 -12.06 -5.80 -12.83
N ALA A 78 -13.34 -5.78 -12.47
CA ALA A 78 -13.74 -5.59 -11.07
C ALA A 78 -13.12 -6.65 -10.17
N TYR A 79 -13.12 -7.90 -10.63
CA TYR A 79 -12.57 -8.99 -9.83
C TYR A 79 -11.05 -8.91 -9.81
N ASN A 80 -10.47 -8.58 -10.95
CA ASN A 80 -9.02 -8.47 -11.08
C ASN A 80 -8.50 -7.32 -10.21
N GLU A 81 -9.12 -6.15 -10.35
CA GLU A 81 -8.77 -5.00 -9.55
C GLU A 81 -9.03 -5.29 -8.07
N ALA A 82 -10.02 -6.13 -7.81
CA ALA A 82 -10.38 -6.49 -6.45
C ALA A 82 -9.23 -7.18 -5.72
N TYR A 83 -8.33 -7.82 -6.47
CA TYR A 83 -7.15 -8.40 -5.85
C TYR A 83 -6.39 -7.31 -5.11
N ASN A 84 -6.22 -6.17 -5.78
CA ASN A 84 -5.59 -5.00 -5.17
C ASN A 84 -6.48 -4.43 -4.07
N THR A 85 -7.76 -4.28 -4.40
CA THR A 85 -8.73 -3.70 -3.46
C THR A 85 -8.78 -4.48 -2.14
N VAL A 86 -9.07 -5.76 -2.23
CA VAL A 86 -9.23 -6.59 -1.05
C VAL A 86 -7.89 -6.77 -0.35
N ARG A 87 -6.79 -6.77 -1.12
CA ARG A 87 -5.46 -6.89 -0.54
C ARG A 87 -5.13 -5.69 0.34
N ASN A 88 -5.43 -4.50 -0.17
CA ASN A 88 -5.21 -3.26 0.58
C ASN A 88 -6.02 -3.27 1.87
N ARG A 89 -7.24 -3.79 1.80
CA ARG A 89 -8.08 -3.96 2.98
C ARG A 89 -7.53 -5.07 3.88
N TYR A 90 -6.98 -6.10 3.25
CA TYR A 90 -6.43 -7.24 3.97
C TYR A 90 -5.19 -6.83 4.73
N ILE A 91 -4.49 -5.84 4.18
CA ILE A 91 -3.37 -5.21 4.86
C ILE A 91 -3.80 -4.74 6.24
N GLN A 92 -4.95 -4.09 6.30
CA GLN A 92 -5.51 -3.61 7.55
C GLN A 92 -5.87 -4.78 8.47
N VAL A 93 -6.47 -5.81 7.87
CA VAL A 93 -6.93 -6.97 8.62
C VAL A 93 -5.76 -7.74 9.23
N LEU A 94 -4.84 -8.16 8.38
CA LEU A 94 -3.71 -8.98 8.83
C LEU A 94 -2.78 -8.20 9.73
N GLN A 95 -2.57 -6.92 9.42
CA GLN A 95 -1.57 -6.14 10.12
C GLN A 95 -1.82 -6.15 11.62
N GLN A 96 -3.01 -5.77 12.04
CA GLN A 96 -3.34 -5.66 13.46
C GLN A 96 -3.13 -6.99 14.18
N LYS A 97 -3.44 -8.09 13.48
CA LYS A 97 -3.28 -9.43 14.03
C LYS A 97 -1.80 -9.82 14.09
N TYR A 98 -1.06 -9.40 13.08
CA TYR A 98 0.35 -9.73 12.97
C TYR A 98 1.21 -8.84 13.86
N ILE A 99 0.71 -7.65 14.16
CA ILE A 99 1.45 -6.68 14.98
C ILE A 99 1.89 -7.30 16.31
N GLU A 100 0.97 -7.94 16.99
CA GLU A 100 1.28 -8.56 18.27
C GLU A 100 2.20 -9.78 18.09
N ALA A 101 2.11 -10.43 16.94
CA ALA A 101 2.97 -11.56 16.62
C ALA A 101 4.38 -11.07 16.25
N ALA A 102 4.43 -9.89 15.65
CA ALA A 102 5.67 -9.28 15.18
C ALA A 102 6.66 -9.07 16.31
N LYS A 103 6.15 -8.81 17.50
CA LYS A 103 6.99 -8.58 18.67
C LYS A 103 7.95 -9.74 18.89
N ALA A 104 7.46 -10.96 18.76
CA ALA A 104 8.28 -12.14 18.96
C ALA A 104 9.18 -12.42 17.76
N GLN A 105 8.83 -11.86 16.61
CA GLN A 105 9.57 -12.13 15.39
C GLN A 105 10.60 -11.03 15.12
N GLY A 106 10.40 -9.89 15.75
CA GLY A 106 11.24 -8.73 15.51
C GLY A 106 11.14 -8.29 14.06
N ASN A 107 9.95 -8.46 13.48
CA ASN A 107 9.74 -8.26 12.06
C ASN A 107 9.89 -6.79 11.68
N TYR A 108 8.87 -6.00 11.96
CA TYR A 108 8.94 -4.57 11.72
C TYR A 108 9.36 -3.88 13.00
N TYR A 109 9.87 -2.67 12.88
CA TYR A 109 10.36 -1.95 14.04
C TYR A 109 9.25 -1.12 14.66
N ASP A 110 8.89 -1.46 15.88
CA ASP A 110 7.82 -0.78 16.57
C ASP A 110 8.18 -0.51 18.01
N GLU A 111 7.77 0.63 18.50
CA GLU A 111 8.13 1.06 19.84
C GLU A 111 7.15 0.49 20.88
N THR A 112 6.07 -0.09 20.41
CA THR A 112 5.05 -0.63 21.29
C THR A 112 5.02 -2.14 21.21
N ALA A 113 6.16 -2.74 20.91
CA ALA A 113 6.23 -4.17 20.72
C ALA A 113 7.67 -4.65 20.55
N VAL A 114 8.33 -4.21 19.49
CA VAL A 114 9.63 -4.74 19.13
C VAL A 114 10.76 -3.92 19.74
N GLU A 115 10.99 -2.72 19.20
CA GLU A 115 12.12 -1.89 19.59
C GLU A 115 11.75 -0.41 19.63
N ALA A 116 11.88 0.26 18.48
CA ALA A 116 11.63 1.69 18.40
C ALA A 116 10.60 1.97 17.32
N ASN A 117 9.96 3.14 17.36
CA ASN A 117 8.86 3.41 16.45
C ASN A 117 9.35 3.62 15.03
N ARG A 118 10.42 4.37 14.90
CA ARG A 118 10.92 4.69 13.59
C ARG A 118 12.40 4.41 13.48
N THR A 119 12.76 3.80 12.39
CA THR A 119 14.16 3.65 12.00
C THR A 119 14.65 4.92 11.34
N ASN A 120 15.92 4.96 10.95
CA ASN A 120 16.47 6.13 10.26
C ASN A 120 15.62 6.43 9.02
N GLU A 121 15.33 5.39 8.25
CA GLU A 121 14.50 5.52 7.05
C GLU A 121 13.16 6.16 7.40
N GLN A 122 12.48 5.58 8.37
CA GLN A 122 11.18 6.05 8.83
C GLN A 122 11.27 7.48 9.38
N ARG A 123 12.37 7.77 10.05
CA ARG A 123 12.65 9.12 10.51
C ARG A 123 12.78 10.08 9.33
N ILE A 124 13.42 9.61 8.27
CA ILE A 124 13.56 10.40 7.05
C ILE A 124 12.20 10.74 6.47
N ALA A 125 11.27 9.78 6.56
CA ALA A 125 9.89 10.02 6.11
C ALA A 125 9.34 11.25 6.79
N ASP A 126 9.58 11.35 8.09
CA ASP A 126 9.14 12.47 8.90
C ASP A 126 9.83 13.75 8.43
N ASP A 127 11.15 13.67 8.29
CA ASP A 127 11.97 14.80 7.88
C ASP A 127 11.64 15.29 6.48
N ILE A 128 11.25 14.38 5.59
CA ILE A 128 10.96 14.74 4.21
C ILE A 128 9.91 15.85 4.13
N LYS A 129 8.94 15.82 5.02
CA LYS A 129 7.89 16.85 5.03
C LYS A 129 8.46 18.17 5.53
N ALA A 130 9.49 18.09 6.36
CA ALA A 130 10.21 19.28 6.78
C ALA A 130 11.09 19.79 5.64
N GLN A 131 11.58 18.85 4.84
CA GLN A 131 12.47 19.16 3.73
C GLN A 131 11.71 19.81 2.57
N THR A 132 10.67 19.14 2.10
CA THR A 132 9.94 19.62 0.94
C THR A 132 8.49 20.01 1.29
N GLY A 133 7.90 19.28 2.22
CA GLY A 133 6.54 19.59 2.65
C GLY A 133 5.54 18.57 2.14
N LYS A 134 5.98 17.72 1.23
CA LYS A 134 5.11 16.73 0.63
C LYS A 134 5.01 15.48 1.49
N ASP A 135 3.81 14.95 1.65
CA ASP A 135 3.60 13.75 2.44
C ASP A 135 3.79 12.51 1.58
N VAL A 136 5.05 12.19 1.34
CA VAL A 136 5.42 11.05 0.51
C VAL A 136 6.08 9.94 1.35
N THR A 137 6.50 8.88 0.68
CA THR A 137 7.07 7.71 1.34
C THR A 137 8.57 7.63 1.11
N VAL A 138 9.26 6.93 2.00
CA VAL A 138 10.68 6.69 1.87
C VAL A 138 10.95 5.20 2.12
N THR A 139 11.83 4.61 1.33
CA THR A 139 12.17 3.20 1.49
C THR A 139 13.64 2.95 1.15
N LYS A 140 14.31 2.16 1.99
CA LYS A 140 15.68 1.77 1.71
C LYS A 140 15.70 0.69 0.64
N ASP A 141 16.26 1.03 -0.51
CA ASP A 141 16.25 0.13 -1.66
C ASP A 141 17.30 -0.97 -1.50
N GLU A 142 17.48 -1.75 -2.56
CA GLU A 142 18.45 -2.84 -2.57
C GLU A 142 19.85 -2.35 -2.27
N ASN A 143 20.18 -1.16 -2.78
CA ASN A 143 21.52 -0.61 -2.64
C ASN A 143 21.71 0.08 -1.30
N GLY A 144 20.63 0.25 -0.56
CA GLY A 144 20.73 0.86 0.76
C GLY A 144 20.42 2.34 0.74
N ASN A 145 19.92 2.83 -0.38
CA ASN A 145 19.57 4.23 -0.50
C ASN A 145 18.10 4.43 -0.17
N TYR A 146 17.78 5.57 0.40
CA TYR A 146 16.42 5.84 0.82
C TYR A 146 15.67 6.53 -0.30
N VAL A 147 14.93 5.76 -1.07
CA VAL A 147 14.20 6.31 -2.19
C VAL A 147 12.87 6.91 -1.74
N VAL A 148 12.63 8.13 -2.18
CA VAL A 148 11.42 8.85 -1.81
C VAL A 148 10.35 8.66 -2.86
N LYS A 149 9.32 7.92 -2.52
CA LYS A 149 8.29 7.59 -3.47
C LYS A 149 7.03 8.38 -3.19
N ASP A 150 6.52 8.99 -4.24
CA ASP A 150 5.28 9.73 -4.19
C ASP A 150 4.13 8.74 -4.26
N GLU A 151 2.97 9.16 -3.76
CA GLU A 151 1.81 8.29 -3.65
C GLU A 151 1.30 7.83 -5.02
N LYS A 152 1.79 8.46 -6.07
CA LYS A 152 1.49 8.04 -7.43
C LYS A 152 2.14 6.68 -7.72
N GLY A 153 3.14 6.33 -6.91
CA GLY A 153 3.81 5.06 -7.07
C GLY A 153 5.18 5.21 -7.71
N ASN A 154 5.63 6.44 -7.88
CA ASN A 154 6.92 6.70 -8.52
C ASN A 154 7.87 7.40 -7.56
N VAL A 155 9.12 6.95 -7.52
CA VAL A 155 10.13 7.58 -6.71
C VAL A 155 10.57 8.92 -7.30
N VAL A 156 10.21 10.00 -6.63
CA VAL A 156 10.43 11.34 -7.12
C VAL A 156 11.78 11.89 -6.68
N ALA A 157 12.29 11.36 -5.56
CA ALA A 157 13.56 11.83 -5.01
C ALA A 157 14.27 10.70 -4.30
N THR A 158 15.51 10.93 -3.90
CA THR A 158 16.29 9.93 -3.20
C THR A 158 17.12 10.61 -2.12
N VAL A 159 17.17 10.01 -0.93
CA VAL A 159 17.95 10.56 0.17
C VAL A 159 19.12 9.64 0.50
N ASP A 160 20.23 10.25 0.89
CA ASP A 160 21.45 9.52 1.19
C ASP A 160 21.60 9.34 2.71
N LYS A 161 22.79 9.00 3.18
CA LYS A 161 23.00 8.66 4.59
C LYS A 161 22.58 9.80 5.52
N ASP A 162 22.59 11.02 5.00
CA ASP A 162 22.33 12.20 5.80
C ASP A 162 20.87 12.27 6.22
N GLY A 163 20.03 11.53 5.53
CA GLY A 163 18.62 11.47 5.88
C GLY A 163 17.87 12.76 5.63
N LYS A 164 18.55 13.75 5.09
CA LYS A 164 17.92 15.02 4.78
C LYS A 164 18.11 15.34 3.30
N THR A 165 19.05 14.64 2.69
CA THR A 165 19.30 14.71 1.25
C THR A 165 17.99 14.58 0.47
N VAL A 166 17.71 15.55 -0.38
CA VAL A 166 16.51 15.53 -1.18
C VAL A 166 16.73 16.24 -2.51
N LYS A 167 16.32 15.59 -3.58
CA LYS A 167 16.47 16.13 -4.92
C LYS A 167 15.36 17.13 -5.25
N ALA A 168 15.27 18.18 -4.43
CA ALA A 168 14.26 19.21 -4.58
C ALA A 168 14.62 20.43 -3.74
N ASP A 169 14.97 20.18 -2.48
CA ASP A 169 15.45 21.24 -1.60
C ASP A 169 16.97 21.35 -1.71
N ALA A 170 17.57 22.27 -0.96
CA ALA A 170 19.00 22.51 -1.04
C ALA A 170 19.79 21.47 -0.24
N LYS A 171 19.61 20.21 -0.61
CA LYS A 171 20.29 19.11 0.05
C LYS A 171 20.63 18.02 -0.95
N ALA A 172 21.75 18.20 -1.65
CA ALA A 172 22.19 17.24 -2.65
C ALA A 172 23.28 16.35 -2.07
N GLY A 173 23.36 15.13 -2.57
CA GLY A 173 24.37 14.20 -2.13
C GLY A 173 24.10 12.80 -2.61
#